data_2O9D
#
_entry.id   2O9D
#
_cell.length_a   92.428
_cell.length_b   92.428
_cell.length_c   78.235
_cell.angle_alpha   90.00
_cell.angle_beta   90.00
_cell.angle_gamma   90.00
#
_symmetry.space_group_name_H-M   'P 4'
#
loop_
_entity.id
_entity.type
_entity.pdbx_description
1 polymer 'Aquaporin Z'
2 non-polymer 'octyl alpha-L-altropyranoside'
3 non-polymer 'octyl beta-D-galactopyranoside'
4 water water
#
_entity_poly.entity_id   1
_entity_poly.type   'polypeptide(L)'
_entity_poly.pdbx_seq_one_letter_code
;ASHMFRKLAAESFGTFWLVFGGSGSAVLAAGFPELGIGFAGVALAFGLTVLTMAFAVGHISGGHFNPAVTIGLWAGGRFP
AKEVVGYVIAQVVGGIVAAALLYLIASGKTGFDAAASGFASNGYGEHSPGGYSMLSALVVELVLSAGFLLVIHGATDKFA
PAGFAPIAIGLALTLIHLISIPVTNCSVNPARSTAVAIFQGGWALEQLWFFWVVPIVGGIIGGLIYRTLLEKRD
;
_entity_poly.pdbx_strand_id   A,B
#
# COMPACT_ATOMS: atom_id res chain seq x y z
N SER A 2 -38.72 -15.98 -9.07
CA SER A 2 -39.65 -16.11 -7.89
C SER A 2 -38.99 -15.50 -6.64
N HIS A 3 -39.71 -15.56 -5.51
CA HIS A 3 -39.34 -14.87 -4.24
C HIS A 3 -37.85 -14.54 -4.07
N MET A 4 -37.57 -13.25 -3.85
CA MET A 4 -36.23 -12.62 -3.90
C MET A 4 -34.99 -13.42 -3.44
N PHE A 5 -35.16 -14.26 -2.43
CA PHE A 5 -34.09 -15.13 -1.92
C PHE A 5 -33.45 -15.97 -3.03
N ARG A 6 -34.27 -16.58 -3.87
CA ARG A 6 -33.79 -17.37 -5.01
C ARG A 6 -32.89 -16.54 -5.94
N LYS A 7 -33.36 -15.35 -6.30
CA LYS A 7 -32.64 -14.44 -7.19
C LYS A 7 -31.34 -13.94 -6.60
N LEU A 8 -31.35 -13.51 -5.33
CA LEU A 8 -30.13 -13.04 -4.66
C LEU A 8 -29.09 -14.14 -4.50
N ALA A 9 -29.54 -15.37 -4.17
CA ALA A 9 -28.64 -16.53 -4.13
C ALA A 9 -27.96 -16.79 -5.50
N ALA A 10 -28.76 -16.80 -6.57
CA ALA A 10 -28.28 -16.90 -7.97
C ALA A 10 -27.28 -15.84 -8.36
N GLU A 11 -27.54 -14.59 -7.96
CA GLU A 11 -26.62 -13.51 -8.24
C GLU A 11 -25.35 -13.63 -7.45
N SER A 12 -25.43 -14.07 -6.20
CA SER A 12 -24.25 -14.24 -5.37
C SER A 12 -23.39 -15.41 -5.85
N PHE A 13 -24.03 -16.50 -6.28
CA PHE A 13 -23.33 -17.70 -6.76
C PHE A 13 -22.71 -17.50 -8.13
N GLY A 14 -23.40 -16.78 -9.01
CA GLY A 14 -22.89 -16.52 -10.34
C GLY A 14 -21.75 -15.53 -10.35
N THR A 15 -21.81 -14.55 -9.45
CA THR A 15 -20.71 -13.60 -9.32
C THR A 15 -19.49 -14.24 -8.64
N PHE A 16 -19.76 -15.10 -7.67
CA PHE A 16 -18.75 -15.98 -7.11
C PHE A 16 -18.08 -16.73 -8.25
N TRP A 17 -18.87 -17.38 -9.11
CA TRP A 17 -18.33 -18.14 -10.23
C TRP A 17 -17.43 -17.26 -11.09
N LEU A 18 -17.90 -16.07 -11.42
CA LEU A 18 -17.17 -15.12 -12.25
C LEU A 18 -15.79 -14.83 -11.69
N VAL A 19 -15.74 -14.42 -10.42
CA VAL A 19 -14.49 -14.00 -9.78
C VAL A 19 -13.54 -15.17 -9.64
N PHE A 20 -14.05 -16.29 -9.16
CA PHE A 20 -13.24 -17.46 -8.89
C PHE A 20 -12.75 -18.06 -10.19
N GLY A 21 -13.64 -18.07 -11.18
CA GLY A 21 -13.32 -18.60 -12.48
C GLY A 21 -12.37 -17.74 -13.25
N GLY A 22 -12.79 -16.50 -13.52
CA GLY A 22 -12.01 -15.60 -14.31
C GLY A 22 -10.72 -15.15 -13.64
N SER A 23 -10.79 -14.78 -12.36
CA SER A 23 -9.61 -14.35 -11.59
C SER A 23 -8.67 -15.50 -11.23
N GLY A 24 -9.23 -16.67 -10.95
CA GLY A 24 -8.42 -17.86 -10.64
C GLY A 24 -7.57 -18.26 -11.83
N SER A 25 -8.16 -18.29 -13.03
CA SER A 25 -7.38 -18.52 -14.24
C SER A 25 -6.18 -17.50 -14.41
N ALA A 26 -6.42 -16.25 -14.01
CA ALA A 26 -5.38 -15.19 -14.06
C ALA A 26 -4.29 -15.44 -13.03
N VAL A 27 -4.72 -15.68 -11.79
CA VAL A 27 -3.81 -15.91 -10.68
C VAL A 27 -3.07 -17.25 -10.75
N LEU A 28 -3.75 -18.33 -11.14
CA LEU A 28 -3.16 -19.65 -11.12
C LEU A 28 -2.56 -20.14 -12.44
N ALA A 29 -3.17 -19.79 -13.58
CA ALA A 29 -2.85 -20.44 -14.85
C ALA A 29 -2.23 -19.59 -15.99
N ALA A 30 -2.52 -18.28 -16.05
CA ALA A 30 -2.13 -17.40 -17.20
C ALA A 30 -0.62 -17.33 -17.51
N GLY A 31 0.20 -17.16 -16.47
CA GLY A 31 1.65 -17.05 -16.65
C GLY A 31 2.46 -18.29 -16.27
N PHE A 32 1.78 -19.41 -16.10
CA PHE A 32 2.44 -20.68 -15.79
C PHE A 32 3.50 -20.95 -16.87
N PRO A 33 4.76 -21.22 -16.45
CA PRO A 33 5.87 -21.45 -17.38
C PRO A 33 5.59 -22.45 -18.52
N GLU A 34 5.72 -21.95 -19.75
CA GLU A 34 5.66 -22.75 -20.98
C GLU A 34 4.26 -23.17 -21.39
N LEU A 35 3.41 -23.54 -20.43
CA LEU A 35 2.12 -24.15 -20.74
C LEU A 35 0.95 -23.29 -20.39
N GLY A 36 1.22 -22.18 -19.71
CA GLY A 36 0.17 -21.30 -19.20
C GLY A 36 -0.72 -20.74 -20.28
N ILE A 37 -1.84 -20.18 -19.87
CA ILE A 37 -2.95 -19.90 -20.83
C ILE A 37 -2.99 -18.49 -21.43
N GLY A 38 -2.17 -17.57 -20.92
CA GLY A 38 -2.14 -16.18 -21.38
C GLY A 38 -3.40 -15.37 -21.10
N PHE A 39 -3.44 -14.17 -21.69
CA PHE A 39 -4.60 -13.26 -21.66
C PHE A 39 -5.75 -13.85 -22.47
N ALA A 40 -5.41 -14.61 -23.51
CA ALA A 40 -6.46 -15.29 -24.31
C ALA A 40 -7.23 -16.32 -23.47
N GLY A 41 -6.53 -17.05 -22.60
CA GLY A 41 -7.16 -18.07 -21.77
C GLY A 41 -7.93 -17.48 -20.63
N VAL A 42 -7.44 -16.39 -20.07
CA VAL A 42 -8.14 -15.65 -19.01
C VAL A 42 -9.43 -15.04 -19.59
N ALA A 43 -9.34 -14.51 -20.80
CA ALA A 43 -10.47 -13.95 -21.48
C ALA A 43 -11.50 -15.00 -21.77
N LEU A 44 -11.06 -16.15 -22.27
CA LEU A 44 -12.02 -17.28 -22.44
C LEU A 44 -12.68 -17.65 -21.11
N ALA A 45 -11.89 -17.81 -20.05
CA ALA A 45 -12.38 -18.14 -18.71
C ALA A 45 -13.40 -17.14 -18.19
N PHE A 46 -13.12 -15.85 -18.29
CA PHE A 46 -14.12 -14.83 -17.92
C PHE A 46 -15.48 -15.00 -18.60
N GLY A 47 -15.49 -15.09 -19.94
CA GLY A 47 -16.68 -15.32 -20.71
C GLY A 47 -17.43 -16.59 -20.42
N LEU A 48 -16.71 -17.69 -20.21
CA LEU A 48 -17.31 -18.98 -19.81
C LEU A 48 -18.06 -18.96 -18.43
N THR A 49 -17.63 -18.14 -17.48
CA THR A 49 -18.36 -18.01 -16.20
C THR A 49 -19.80 -17.46 -16.39
N VAL A 50 -19.91 -16.42 -17.20
CA VAL A 50 -21.20 -15.83 -17.54
C VAL A 50 -21.96 -16.78 -18.45
N LEU A 51 -21.32 -17.30 -19.49
CA LEU A 51 -22.04 -18.25 -20.33
C LEU A 51 -22.65 -19.37 -19.47
N THR A 52 -21.80 -20.01 -18.66
CA THR A 52 -22.23 -21.18 -17.87
C THR A 52 -23.24 -20.84 -16.77
N MET A 53 -22.99 -19.78 -15.98
CA MET A 53 -24.02 -19.34 -15.02
C MET A 53 -25.26 -18.65 -15.62
N ALA A 54 -25.14 -17.93 -16.74
CA ALA A 54 -26.38 -17.37 -17.31
C ALA A 54 -27.27 -18.47 -17.86
N PHE A 55 -26.68 -19.61 -18.26
CA PHE A 55 -27.48 -20.82 -18.56
C PHE A 55 -28.10 -21.47 -17.30
N ALA A 56 -27.29 -21.61 -16.24
CA ALA A 56 -27.65 -22.30 -15.00
C ALA A 56 -28.68 -21.54 -14.16
N VAL A 57 -28.43 -20.26 -13.91
CA VAL A 57 -29.31 -19.47 -13.05
C VAL A 57 -29.95 -18.25 -13.71
N GLY A 58 -29.72 -18.04 -15.01
CA GLY A 58 -30.32 -16.94 -15.74
C GLY A 58 -31.85 -16.91 -15.66
N HIS A 59 -32.47 -18.11 -15.70
CA HIS A 59 -33.94 -18.25 -15.60
C HIS A 59 -34.47 -17.80 -14.25
N ILE A 60 -33.61 -17.88 -13.23
CA ILE A 60 -33.91 -17.47 -11.86
C ILE A 60 -33.85 -15.94 -11.62
N SER A 61 -32.69 -15.33 -11.86
CA SER A 61 -32.44 -13.92 -11.50
C SER A 61 -32.33 -12.90 -12.67
N GLY A 62 -32.21 -13.41 -13.89
CA GLY A 62 -31.90 -12.54 -15.03
C GLY A 62 -30.47 -12.71 -15.51
N GLY A 63 -29.60 -13.24 -14.63
CA GLY A 63 -28.18 -13.53 -14.92
C GLY A 63 -27.25 -12.34 -15.10
N HIS A 64 -27.24 -11.45 -14.12
CA HIS A 64 -26.53 -10.17 -14.22
C HIS A 64 -25.06 -10.31 -13.86
N PHE A 65 -24.79 -10.79 -12.64
CA PHE A 65 -23.43 -11.10 -12.16
C PHE A 65 -22.48 -9.89 -12.12
N ASN A 66 -23.05 -8.70 -12.26
CA ASN A 66 -22.30 -7.46 -12.51
C ASN A 66 -23.16 -6.25 -12.17
N PRO A 67 -22.72 -5.42 -11.17
CA PRO A 67 -23.40 -4.16 -10.79
C PRO A 67 -23.63 -3.16 -11.93
N ALA A 68 -22.75 -3.14 -12.92
CA ALA A 68 -22.96 -2.31 -14.12
C ALA A 68 -24.04 -2.85 -15.06
N VAL A 69 -24.23 -4.18 -15.05
CA VAL A 69 -25.30 -4.83 -15.83
C VAL A 69 -26.64 -4.53 -15.19
N THR A 70 -26.70 -4.77 -13.88
CA THR A 70 -27.90 -4.48 -13.08
C THR A 70 -28.33 -3.02 -13.24
N ILE A 71 -27.39 -2.08 -13.05
CA ILE A 71 -27.71 -0.65 -13.17
C ILE A 71 -28.02 -0.23 -14.62
N GLY A 72 -27.24 -0.71 -15.59
CA GLY A 72 -27.51 -0.48 -17.01
C GLY A 72 -28.83 -1.06 -17.49
N LEU A 73 -29.21 -2.21 -16.93
CA LEU A 73 -30.52 -2.81 -17.20
C LEU A 73 -31.67 -1.99 -16.62
N TRP A 74 -31.42 -1.37 -15.47
CA TRP A 74 -32.33 -0.40 -14.91
C TRP A 74 -32.45 0.85 -15.79
N ALA A 75 -31.33 1.41 -16.25
CA ALA A 75 -31.41 2.56 -17.15
C ALA A 75 -32.01 2.21 -18.53
N GLY A 76 -31.89 0.95 -18.95
CA GLY A 76 -32.50 0.49 -20.20
C GLY A 76 -34.00 0.22 -20.14
N GLY A 77 -34.59 0.49 -18.98
CA GLY A 77 -36.02 0.25 -18.74
C GLY A 77 -36.33 -1.24 -18.81
N ARG A 78 -35.42 -2.06 -18.28
CA ARG A 78 -35.54 -3.53 -18.31
C ARG A 78 -35.48 -4.18 -16.93
N PHE A 79 -35.22 -3.37 -15.92
CA PHE A 79 -35.07 -3.86 -14.56
C PHE A 79 -35.59 -2.76 -13.64
N PRO A 80 -36.33 -3.15 -12.57
CA PRO A 80 -36.85 -2.24 -11.53
C PRO A 80 -35.81 -1.72 -10.52
N ALA A 81 -35.74 -0.40 -10.34
CA ALA A 81 -34.89 0.24 -9.32
C ALA A 81 -35.00 -0.38 -7.91
N LYS A 82 -36.18 -0.92 -7.58
CA LYS A 82 -36.43 -1.60 -6.30
C LYS A 82 -35.46 -2.74 -5.95
N GLU A 83 -35.11 -3.60 -6.92
CA GLU A 83 -34.26 -4.76 -6.65
C GLU A 83 -32.78 -4.49 -6.94
N VAL A 84 -32.45 -3.26 -7.35
CA VAL A 84 -31.10 -2.90 -7.76
C VAL A 84 -30.09 -3.06 -6.63
N VAL A 85 -30.33 -2.42 -5.49
CA VAL A 85 -29.40 -2.45 -4.35
C VAL A 85 -29.11 -3.87 -3.82
N GLY A 86 -30.16 -4.68 -3.72
CA GLY A 86 -30.04 -6.07 -3.25
C GLY A 86 -29.19 -6.92 -4.17
N TYR A 87 -29.31 -6.67 -5.48
CA TYR A 87 -28.47 -7.36 -6.49
C TYR A 87 -27.01 -7.00 -6.33
N VAL A 88 -26.73 -5.70 -6.18
CA VAL A 88 -25.34 -5.20 -6.09
C VAL A 88 -24.63 -5.74 -4.83
N ILE A 89 -25.29 -5.68 -3.68
CA ILE A 89 -24.76 -6.28 -2.45
C ILE A 89 -24.51 -7.80 -2.60
N ALA A 90 -25.44 -8.50 -3.24
CA ALA A 90 -25.35 -9.93 -3.47
C ALA A 90 -24.16 -10.27 -4.37
N GLN A 91 -23.97 -9.46 -5.41
CA GLN A 91 -22.82 -9.57 -6.31
C GLN A 91 -21.49 -9.34 -5.58
N VAL A 92 -21.41 -8.26 -4.82
CA VAL A 92 -20.18 -7.96 -4.09
C VAL A 92 -19.87 -9.06 -3.07
N VAL A 93 -20.87 -9.51 -2.31
CA VAL A 93 -20.66 -10.58 -1.33
C VAL A 93 -20.20 -11.91 -1.95
N GLY A 94 -20.91 -12.36 -3.00
CA GLY A 94 -20.49 -13.52 -3.77
C GLY A 94 -19.11 -13.38 -4.39
N GLY A 95 -18.79 -12.21 -4.93
CA GLY A 95 -17.43 -11.89 -5.36
C GLY A 95 -16.32 -12.00 -4.31
N ILE A 96 -16.50 -11.36 -3.16
CA ILE A 96 -15.55 -11.37 -2.04
C ILE A 96 -15.22 -12.79 -1.50
N VAL A 97 -16.26 -13.60 -1.29
CA VAL A 97 -16.14 -15.02 -0.85
C VAL A 97 -15.26 -15.85 -1.80
N ALA A 98 -15.35 -15.58 -3.11
CA ALA A 98 -14.49 -16.20 -4.15
C ALA A 98 -13.05 -15.72 -4.12
N ALA A 99 -12.82 -14.42 -3.88
CA ALA A 99 -11.46 -13.93 -3.80
C ALA A 99 -10.74 -14.48 -2.57
N ALA A 100 -11.45 -14.58 -1.44
CA ALA A 100 -10.91 -15.20 -0.20
C ALA A 100 -10.49 -16.66 -0.40
N LEU A 101 -11.39 -17.47 -0.96
CA LEU A 101 -11.10 -18.87 -1.34
C LEU A 101 -10.00 -19.02 -2.40
N LEU A 102 -9.98 -18.13 -3.38
CA LEU A 102 -8.89 -18.03 -4.35
C LEU A 102 -7.56 -17.69 -3.67
N TYR A 103 -7.60 -16.72 -2.75
CA TYR A 103 -6.42 -16.29 -2.01
C TYR A 103 -5.84 -17.44 -1.16
N LEU A 104 -6.71 -18.27 -0.56
CA LEU A 104 -6.27 -19.42 0.20
C LEU A 104 -5.70 -20.52 -0.69
N ILE A 105 -6.29 -20.74 -1.86
CA ILE A 105 -5.76 -21.71 -2.82
C ILE A 105 -4.39 -21.22 -3.31
N ALA A 106 -4.35 -19.94 -3.68
CA ALA A 106 -3.14 -19.32 -4.18
C ALA A 106 -2.01 -19.35 -3.17
N SER A 107 -2.31 -19.19 -1.87
CA SER A 107 -1.26 -19.18 -0.83
C SER A 107 -0.58 -20.55 -0.59
N GLY A 108 -1.11 -21.61 -1.20
CA GLY A 108 -0.55 -22.96 -1.04
C GLY A 108 0.63 -23.27 -1.94
N LYS A 109 1.13 -22.24 -2.63
CA LYS A 109 2.31 -22.35 -3.47
C LYS A 109 3.43 -21.40 -2.98
N THR A 110 4.63 -21.94 -2.79
CA THR A 110 5.79 -21.20 -2.25
C THR A 110 6.11 -19.93 -3.08
N GLY A 111 6.13 -18.80 -2.38
CA GLY A 111 6.42 -17.52 -3.02
C GLY A 111 5.21 -16.69 -3.44
N PHE A 112 3.99 -17.20 -3.26
CA PHE A 112 2.79 -16.39 -3.54
C PHE A 112 2.86 -15.07 -2.77
N ASP A 113 2.35 -13.99 -3.35
CA ASP A 113 2.41 -12.66 -2.79
C ASP A 113 1.39 -11.81 -3.54
N ALA A 114 0.17 -11.71 -2.98
CA ALA A 114 -0.94 -10.97 -3.58
C ALA A 114 -0.69 -9.45 -3.77
N ALA A 115 -0.03 -8.79 -2.82
CA ALA A 115 0.25 -7.37 -3.01
C ALA A 115 1.22 -7.14 -4.17
N ALA A 116 2.31 -7.91 -4.19
CA ALA A 116 3.35 -7.75 -5.20
C ALA A 116 2.96 -8.23 -6.61
N SER A 117 2.05 -9.19 -6.70
CA SER A 117 1.59 -9.71 -8.02
C SER A 117 0.35 -8.97 -8.55
N GLY A 118 -0.35 -8.26 -7.67
CA GLY A 118 -1.55 -7.51 -8.06
C GLY A 118 -2.85 -8.26 -7.86
N PHE A 119 -2.74 -9.58 -7.70
CA PHE A 119 -3.88 -10.50 -7.51
C PHE A 119 -4.97 -10.24 -8.55
N ALA A 120 -4.58 -10.11 -9.82
CA ALA A 120 -5.49 -9.88 -10.97
C ALA A 120 -6.34 -8.62 -10.84
N SER A 121 -5.85 -7.65 -10.08
CA SER A 121 -6.56 -6.41 -9.84
C SER A 121 -6.52 -5.46 -11.03
N ASN A 122 -7.58 -4.68 -11.14
CA ASN A 122 -7.66 -3.62 -12.12
C ASN A 122 -6.95 -2.33 -11.69
N GLY A 123 -6.24 -1.72 -12.63
CA GLY A 123 -5.55 -0.49 -12.35
C GLY A 123 -5.32 0.28 -13.62
N TYR A 124 -4.82 1.51 -13.48
CA TYR A 124 -4.46 2.35 -14.59
C TYR A 124 -3.10 3.07 -14.32
N GLY A 125 -2.54 3.68 -15.35
CA GLY A 125 -1.28 4.40 -15.19
C GLY A 125 -0.16 3.48 -14.77
N GLU A 126 0.28 3.58 -13.55
CA GLU A 126 1.38 2.77 -13.09
C GLU A 126 0.95 1.36 -12.82
N HIS A 127 -0.35 1.17 -12.69
CA HIS A 127 -0.91 -0.14 -12.39
C HIS A 127 -1.75 -0.72 -13.54
N SER A 128 -1.54 -0.16 -14.73
CA SER A 128 -2.03 -0.76 -15.95
C SER A 128 -0.94 -1.77 -16.39
N PRO A 129 -1.32 -3.01 -16.78
CA PRO A 129 -0.40 -4.02 -17.34
C PRO A 129 0.51 -3.47 -18.47
N GLY A 130 -0.08 -2.76 -19.44
CA GLY A 130 0.66 -2.19 -20.57
C GLY A 130 1.32 -0.82 -20.38
N GLY A 131 1.06 -0.17 -19.25
CA GLY A 131 1.63 1.17 -19.03
C GLY A 131 0.75 2.24 -19.66
N TYR A 132 -0.57 2.02 -19.68
CA TYR A 132 -1.54 2.94 -20.27
C TYR A 132 -2.02 4.04 -19.30
N SER A 133 -2.11 5.26 -19.81
CA SER A 133 -2.63 6.41 -19.09
C SER A 133 -4.06 6.20 -18.58
N MET A 134 -4.47 7.02 -17.61
CA MET A 134 -5.84 7.04 -17.06
C MET A 134 -6.94 7.29 -18.10
N LEU A 135 -6.68 8.22 -19.04
CA LEU A 135 -7.56 8.50 -20.17
C LEU A 135 -7.78 7.30 -21.10
N SER A 136 -6.70 6.63 -21.49
CA SER A 136 -6.79 5.34 -22.19
C SER A 136 -7.70 4.38 -21.45
N ALA A 137 -7.54 4.30 -20.12
CA ALA A 137 -8.37 3.42 -19.27
C ALA A 137 -9.82 3.82 -19.19
N LEU A 138 -10.10 5.12 -19.08
CA LEU A 138 -11.50 5.59 -19.06
C LEU A 138 -12.20 5.26 -20.36
N VAL A 139 -11.59 5.65 -21.47
CA VAL A 139 -12.18 5.47 -22.81
C VAL A 139 -12.52 3.99 -23.10
N VAL A 140 -11.55 3.11 -22.82
CA VAL A 140 -11.74 1.66 -23.06
C VAL A 140 -12.86 1.04 -22.20
N GLU A 141 -12.88 1.33 -20.88
CA GLU A 141 -13.87 0.75 -19.96
C GLU A 141 -15.27 1.33 -20.18
N LEU A 142 -15.32 2.59 -20.63
CA LEU A 142 -16.54 3.28 -21.02
C LEU A 142 -17.14 2.69 -22.31
N VAL A 143 -16.33 2.53 -23.35
CA VAL A 143 -16.79 1.91 -24.61
C VAL A 143 -17.15 0.44 -24.45
N LEU A 144 -16.29 -0.31 -23.75
CA LEU A 144 -16.54 -1.73 -23.51
C LEU A 144 -17.72 -2.00 -22.55
N SER A 145 -17.89 -1.20 -21.48
CA SER A 145 -19.12 -1.30 -20.66
C SER A 145 -20.39 -0.94 -21.41
N ALA A 146 -20.36 0.13 -22.21
CA ALA A 146 -21.53 0.51 -23.01
C ALA A 146 -21.88 -0.56 -24.03
N GLY A 147 -20.87 -1.04 -24.75
CA GLY A 147 -21.02 -2.13 -25.73
C GLY A 147 -21.55 -3.43 -25.13
N PHE A 148 -21.00 -3.83 -23.98
CA PHE A 148 -21.47 -5.00 -23.25
C PHE A 148 -22.95 -4.85 -22.96
N LEU A 149 -23.34 -3.67 -22.47
CA LEU A 149 -24.75 -3.41 -22.15
C LEU A 149 -25.70 -3.40 -23.34
N LEU A 150 -25.20 -2.92 -24.50
CA LEU A 150 -25.95 -2.97 -25.74
C LEU A 150 -26.13 -4.42 -26.24
N VAL A 151 -25.11 -5.25 -26.09
CA VAL A 151 -25.25 -6.69 -26.42
C VAL A 151 -26.25 -7.39 -25.50
N ILE A 152 -26.14 -7.10 -24.21
CA ILE A 152 -27.03 -7.67 -23.20
C ILE A 152 -28.46 -7.28 -23.53
N HIS A 153 -28.68 -5.97 -23.74
CA HIS A 153 -30.00 -5.45 -24.07
C HIS A 153 -30.57 -6.06 -25.36
N GLY A 154 -29.77 -6.08 -26.42
CA GLY A 154 -30.22 -6.62 -27.70
C GLY A 154 -30.48 -8.13 -27.74
N ALA A 155 -29.52 -8.90 -27.22
CA ALA A 155 -29.60 -10.38 -27.21
C ALA A 155 -30.76 -10.91 -26.36
N THR A 156 -31.21 -10.10 -25.40
CA THR A 156 -32.34 -10.43 -24.53
C THR A 156 -33.58 -9.64 -24.89
N ASP A 157 -33.54 -9.00 -26.05
CA ASP A 157 -34.70 -8.29 -26.60
C ASP A 157 -35.79 -9.31 -26.93
N LYS A 158 -37.04 -8.88 -26.79
CA LYS A 158 -38.21 -9.69 -27.12
C LYS A 158 -38.12 -10.33 -28.52
N PHE A 159 -37.45 -9.65 -29.46
CA PHE A 159 -37.42 -10.09 -30.85
C PHE A 159 -36.17 -10.88 -31.25
N ALA A 160 -35.16 -10.86 -30.39
CA ALA A 160 -33.93 -11.64 -30.55
C ALA A 160 -34.25 -13.14 -30.42
N PRO A 161 -33.43 -14.02 -31.05
CA PRO A 161 -33.70 -15.47 -30.98
C PRO A 161 -33.60 -16.02 -29.53
N ALA A 162 -34.61 -16.79 -29.11
CA ALA A 162 -34.72 -17.21 -27.70
C ALA A 162 -33.74 -18.31 -27.29
N GLY A 163 -33.10 -18.11 -26.13
CA GLY A 163 -32.27 -19.13 -25.50
C GLY A 163 -30.79 -18.95 -25.78
N PHE A 164 -30.48 -18.05 -26.71
CA PHE A 164 -29.13 -17.86 -27.19
C PHE A 164 -28.40 -16.78 -26.40
N ALA A 165 -29.14 -16.02 -25.61
CA ALA A 165 -28.58 -14.86 -24.92
C ALA A 165 -27.34 -15.19 -24.10
N PRO A 166 -27.37 -16.28 -23.29
CA PRO A 166 -26.14 -16.63 -22.52
C PRO A 166 -24.87 -16.83 -23.37
N ILE A 167 -25.01 -17.32 -24.62
CA ILE A 167 -23.90 -17.45 -25.59
C ILE A 167 -23.37 -16.08 -26.04
N ALA A 168 -24.25 -15.21 -26.56
CA ALA A 168 -23.88 -13.84 -26.95
C ALA A 168 -23.18 -13.03 -25.85
N ILE A 169 -23.74 -13.08 -24.63
CA ILE A 169 -23.29 -12.29 -23.51
C ILE A 169 -21.95 -12.76 -22.91
N GLY A 170 -21.86 -14.06 -22.65
CA GLY A 170 -20.63 -14.72 -22.22
C GLY A 170 -19.49 -14.48 -23.19
N LEU A 171 -19.73 -14.69 -24.49
CA LEU A 171 -18.74 -14.41 -25.54
C LEU A 171 -18.35 -12.94 -25.69
N ALA A 172 -19.32 -12.03 -25.53
CA ALA A 172 -19.02 -10.59 -25.47
C ALA A 172 -18.00 -10.29 -24.37
N LEU A 173 -18.10 -11.02 -23.28
CA LEU A 173 -17.19 -10.76 -22.15
C LEU A 173 -15.80 -11.32 -22.43
N THR A 174 -15.72 -12.40 -23.20
CA THR A 174 -14.44 -12.90 -23.69
C THR A 174 -13.80 -11.85 -24.63
N LEU A 175 -14.55 -11.43 -25.65
CA LEU A 175 -14.15 -10.33 -26.52
C LEU A 175 -13.59 -9.14 -25.72
N ILE A 176 -14.42 -8.60 -24.85
CA ILE A 176 -14.05 -7.45 -24.02
C ILE A 176 -12.70 -7.67 -23.32
N HIS A 177 -12.47 -8.87 -22.81
CA HIS A 177 -11.19 -9.22 -22.21
C HIS A 177 -10.03 -9.34 -23.20
N LEU A 178 -10.32 -9.83 -24.42
CA LEU A 178 -9.29 -9.95 -25.44
C LEU A 178 -8.76 -8.60 -25.86
N ILE A 179 -9.61 -7.59 -25.78
CA ILE A 179 -9.23 -6.21 -26.14
C ILE A 179 -8.46 -5.49 -24.99
N SER A 180 -9.00 -5.56 -23.77
CA SER A 180 -8.59 -4.61 -22.76
C SER A 180 -7.75 -5.09 -21.57
N ILE A 181 -7.44 -6.39 -21.45
CA ILE A 181 -6.53 -6.78 -20.36
C ILE A 181 -5.25 -5.88 -20.34
N PRO A 182 -4.58 -5.68 -21.49
CA PRO A 182 -3.35 -4.83 -21.46
C PRO A 182 -3.52 -3.42 -20.94
N VAL A 183 -4.74 -2.91 -21.01
CA VAL A 183 -5.04 -1.54 -20.63
C VAL A 183 -5.38 -1.44 -19.12
N THR A 184 -6.37 -2.20 -18.64
CA THR A 184 -6.78 -2.06 -17.23
C THR A 184 -6.85 -3.39 -16.48
N ASN A 185 -6.29 -4.46 -17.07
CA ASN A 185 -6.56 -5.84 -16.67
C ASN A 185 -8.02 -6.21 -16.88
N CYS A 186 -8.77 -5.35 -17.57
CA CYS A 186 -10.21 -5.51 -17.86
C CYS A 186 -11.13 -5.64 -16.62
N SER A 187 -11.82 -4.56 -16.28
CA SER A 187 -12.84 -4.64 -15.23
C SER A 187 -14.23 -4.95 -15.78
N VAL A 188 -14.84 -3.94 -16.44
CA VAL A 188 -16.29 -3.88 -16.79
C VAL A 188 -17.27 -4.38 -15.69
N ASN A 189 -16.72 -4.57 -14.49
CA ASN A 189 -17.44 -5.20 -13.38
C ASN A 189 -16.92 -4.69 -12.04
N PRO A 190 -17.69 -3.81 -11.38
CA PRO A 190 -17.28 -3.24 -10.10
C PRO A 190 -17.11 -4.30 -9.00
N ALA A 191 -17.98 -5.31 -8.98
CA ALA A 191 -17.97 -6.36 -7.96
C ALA A 191 -16.73 -7.24 -8.07
N ARG A 192 -16.28 -7.50 -9.29
CA ARG A 192 -15.08 -8.30 -9.59
C ARG A 192 -13.81 -7.54 -9.25
N SER A 193 -13.80 -6.24 -9.53
CA SER A 193 -12.73 -5.33 -9.10
C SER A 193 -12.61 -5.22 -7.57
N THR A 194 -13.74 -5.04 -6.88
CA THR A 194 -13.77 -4.91 -5.42
C THR A 194 -13.22 -6.18 -4.78
N ALA A 195 -13.67 -7.34 -5.27
CA ALA A 195 -13.36 -8.63 -4.69
C ALA A 195 -11.85 -8.87 -4.65
N VAL A 196 -11.17 -8.59 -5.75
CA VAL A 196 -9.71 -8.82 -5.78
C VAL A 196 -8.89 -7.72 -5.12
N ALA A 197 -9.42 -6.49 -5.14
CA ALA A 197 -8.76 -5.29 -4.56
C ALA A 197 -8.55 -5.42 -3.07
N ILE A 198 -9.56 -5.96 -2.39
CA ILE A 198 -9.53 -6.24 -0.97
C ILE A 198 -8.31 -7.10 -0.58
N PHE A 199 -8.03 -8.13 -1.37
CA PHE A 199 -6.90 -9.05 -1.12
C PHE A 199 -5.53 -8.58 -1.64
N GLN A 200 -5.53 -7.74 -2.68
CA GLN A 200 -4.31 -7.07 -3.09
C GLN A 200 -3.89 -6.06 -1.98
N GLY A 201 -4.88 -5.36 -1.42
CA GLY A 201 -4.65 -4.62 -0.17
C GLY A 201 -4.11 -3.22 -0.25
N GLY A 202 -3.52 -2.87 -1.39
CA GLY A 202 -2.81 -1.61 -1.56
C GLY A 202 -3.35 -0.71 -2.65
N TRP A 203 -2.56 -0.50 -3.71
CA TRP A 203 -2.97 0.38 -4.81
C TRP A 203 -4.32 0.06 -5.41
N ALA A 204 -4.72 -1.21 -5.37
CA ALA A 204 -5.96 -1.69 -5.99
C ALA A 204 -7.18 -1.07 -5.31
N LEU A 205 -7.16 -1.06 -3.98
CA LEU A 205 -8.13 -0.34 -3.16
C LEU A 205 -8.15 1.18 -3.41
N GLU A 206 -7.00 1.77 -3.73
CA GLU A 206 -6.87 3.20 -4.05
C GLU A 206 -7.38 3.66 -5.43
N GLN A 207 -7.49 2.72 -6.38
CA GLN A 207 -8.01 3.03 -7.72
C GLN A 207 -9.40 2.42 -7.92
N LEU A 208 -9.86 1.68 -6.91
CA LEU A 208 -11.15 0.96 -6.93
C LEU A 208 -12.33 1.82 -7.37
N TRP A 209 -12.40 3.04 -6.85
CA TRP A 209 -13.39 4.06 -7.21
C TRP A 209 -13.60 4.17 -8.75
N PHE A 210 -12.50 4.15 -9.51
CA PHE A 210 -12.50 4.31 -10.96
C PHE A 210 -13.27 3.19 -11.60
N PHE A 211 -13.14 1.99 -11.00
CA PHE A 211 -13.83 0.78 -11.48
C PHE A 211 -15.25 0.57 -10.92
N TRP A 212 -15.73 1.54 -10.13
CA TRP A 212 -17.15 1.68 -9.85
C TRP A 212 -17.74 2.72 -10.79
N VAL A 213 -17.21 3.94 -10.73
CA VAL A 213 -17.67 5.06 -11.58
C VAL A 213 -17.77 4.67 -13.07
N VAL A 214 -16.63 4.31 -13.69
CA VAL A 214 -16.53 4.15 -15.15
C VAL A 214 -17.36 2.98 -15.77
N PRO A 215 -17.29 1.74 -15.21
CA PRO A 215 -18.17 0.68 -15.73
C PRO A 215 -19.66 0.95 -15.54
N ILE A 216 -20.04 1.59 -14.43
CA ILE A 216 -21.43 1.96 -14.16
C ILE A 216 -21.92 3.03 -15.13
N VAL A 217 -21.18 4.13 -15.24
CA VAL A 217 -21.46 5.18 -16.22
C VAL A 217 -21.55 4.58 -17.62
N GLY A 218 -20.57 3.76 -17.99
CA GLY A 218 -20.56 3.06 -19.27
C GLY A 218 -21.78 2.18 -19.52
N GLY A 219 -22.14 1.38 -18.52
CA GLY A 219 -23.34 0.53 -18.58
C GLY A 219 -24.65 1.29 -18.65
N ILE A 220 -24.71 2.44 -17.98
CA ILE A 220 -25.84 3.38 -18.14
C ILE A 220 -25.99 3.86 -19.60
N ILE A 221 -24.93 4.43 -20.18
CA ILE A 221 -24.91 4.89 -21.59
C ILE A 221 -25.32 3.79 -22.58
N GLY A 222 -24.74 2.60 -22.44
CA GLY A 222 -25.08 1.45 -23.29
C GLY A 222 -26.54 1.10 -23.23
N GLY A 223 -27.09 1.08 -22.01
CA GLY A 223 -28.54 0.86 -21.78
C GLY A 223 -29.45 1.95 -22.31
N LEU A 224 -29.03 3.22 -22.20
CA LEU A 224 -29.76 4.36 -22.78
C LEU A 224 -29.65 4.42 -24.31
N ILE A 225 -28.52 4.01 -24.88
CA ILE A 225 -28.35 3.89 -26.33
C ILE A 225 -29.31 2.85 -26.92
N TYR A 226 -29.38 1.67 -26.31
CA TYR A 226 -30.35 0.64 -26.73
C TYR A 226 -31.83 1.03 -26.57
N ARG A 227 -32.18 1.61 -25.41
CA ARG A 227 -33.56 2.01 -25.12
C ARG A 227 -34.07 3.16 -26.01
N THR A 228 -33.23 4.19 -26.19
CA THR A 228 -33.64 5.38 -26.95
C THR A 228 -33.39 5.27 -28.46
N LEU A 229 -32.34 4.56 -28.88
CA LEU A 229 -32.00 4.51 -30.32
C LEU A 229 -32.34 3.22 -31.08
N LEU A 230 -32.42 2.10 -30.38
CA LEU A 230 -32.47 0.80 -31.03
C LEU A 230 -33.70 -0.08 -30.76
N GLU A 231 -34.33 0.04 -29.59
CA GLU A 231 -35.34 -0.95 -29.16
C GLU A 231 -36.71 -1.08 -29.89
N LYS A 232 -37.55 -0.04 -29.86
CA LYS A 232 -39.01 -0.20 -30.14
C LYS A 232 -39.34 -0.74 -31.54
N SER B 2 -2.49 10.61 2.80
CA SER B 2 -3.30 9.36 3.02
C SER B 2 -3.27 8.21 1.96
N HIS B 3 -2.97 8.49 0.69
CA HIS B 3 -2.57 7.39 -0.22
C HIS B 3 -1.15 6.99 0.11
N MET B 4 -0.85 5.71 -0.08
CA MET B 4 0.38 5.13 0.46
C MET B 4 1.65 5.80 -0.04
N PHE B 5 1.63 6.28 -1.29
CA PHE B 5 2.80 6.92 -1.86
C PHE B 5 3.08 8.31 -1.31
N ARG B 6 2.03 8.96 -0.77
CA ARG B 6 2.12 10.28 -0.13
C ARG B 6 2.58 10.14 1.31
N LYS B 7 2.27 9.01 1.92
CA LYS B 7 2.78 8.66 3.22
C LYS B 7 4.25 8.25 3.11
N LEU B 8 4.61 7.61 2.00
CA LEU B 8 6.01 7.21 1.75
C LEU B 8 6.89 8.40 1.45
N ALA B 9 6.38 9.37 0.69
CA ALA B 9 7.11 10.60 0.43
C ALA B 9 7.19 11.50 1.67
N ALA B 10 6.14 11.50 2.50
CA ALA B 10 6.18 12.12 3.83
C ALA B 10 7.28 11.50 4.68
N GLU B 11 7.27 10.17 4.78
CA GLU B 11 8.33 9.44 5.50
C GLU B 11 9.73 9.69 4.92
N SER B 12 9.79 9.84 3.60
CA SER B 12 11.05 10.15 2.91
C SER B 12 11.52 11.60 3.14
N PHE B 13 10.59 12.56 3.08
CA PHE B 13 10.93 13.96 3.34
C PHE B 13 11.28 14.24 4.80
N GLY B 14 10.67 13.49 5.69
CA GLY B 14 10.93 13.63 7.11
C GLY B 14 12.20 12.98 7.60
N THR B 15 12.60 11.88 6.97
CA THR B 15 13.92 11.25 7.24
C THR B 15 15.08 11.98 6.56
N PHE B 16 14.80 12.62 5.43
CA PHE B 16 15.74 13.54 4.80
C PHE B 16 16.07 14.66 5.79
N TRP B 17 15.04 15.23 6.41
CA TRP B 17 15.19 16.32 7.36
C TRP B 17 16.03 15.89 8.60
N LEU B 18 15.65 14.75 9.19
CA LEU B 18 16.39 14.21 10.33
C LEU B 18 17.89 14.10 10.10
N VAL B 19 18.27 13.38 9.05
CA VAL B 19 19.67 13.22 8.65
C VAL B 19 20.28 14.57 8.26
N PHE B 20 19.62 15.30 7.37
CA PHE B 20 20.12 16.59 6.90
C PHE B 20 20.33 17.57 8.07
N GLY B 21 19.37 17.66 8.97
CA GLY B 21 19.48 18.57 10.10
C GLY B 21 20.31 18.03 11.25
N GLY B 22 19.95 16.82 11.68
CA GLY B 22 20.65 16.12 12.73
C GLY B 22 22.15 16.01 12.45
N SER B 23 22.52 15.30 11.38
CA SER B 23 23.94 15.09 10.98
C SER B 23 24.60 16.32 10.37
N GLY B 24 23.79 17.19 9.75
CA GLY B 24 24.26 18.47 9.24
C GLY B 24 24.90 19.32 10.33
N SER B 25 24.23 19.45 11.47
CA SER B 25 24.76 20.27 12.58
C SER B 25 26.00 19.66 13.23
N ALA B 26 26.00 18.34 13.39
CA ALA B 26 27.19 17.61 13.84
C ALA B 26 28.43 17.85 12.95
N VAL B 27 28.23 17.86 11.63
CA VAL B 27 29.34 18.00 10.68
C VAL B 27 29.70 19.46 10.44
N LEU B 28 28.71 20.35 10.40
CA LEU B 28 28.98 21.74 10.05
C LEU B 28 29.19 22.65 11.27
N ALA B 29 28.37 22.49 12.31
CA ALA B 29 28.40 23.43 13.45
C ALA B 29 28.99 22.95 14.77
N ALA B 30 28.95 21.65 15.06
CA ALA B 30 29.23 21.15 16.41
C ALA B 30 30.59 21.59 16.98
N GLY B 31 31.65 21.31 16.21
CA GLY B 31 33.00 21.63 16.62
C GLY B 31 33.56 22.87 15.95
N PHE B 32 32.68 23.76 15.48
CA PHE B 32 33.13 25.03 14.91
C PHE B 32 33.97 25.83 15.91
N PRO B 33 35.14 26.34 15.45
CA PRO B 33 36.04 27.11 16.31
C PRO B 33 35.39 28.22 17.17
N GLU B 34 35.30 27.98 18.47
CA GLU B 34 35.01 29.03 19.49
C GLU B 34 33.53 29.32 19.70
N LEU B 35 32.71 29.08 18.67
CA LEU B 35 31.28 29.37 18.71
C LEU B 35 30.44 28.16 18.29
N GLY B 36 31.06 27.00 18.15
CA GLY B 36 30.34 25.79 17.76
C GLY B 36 29.27 25.39 18.79
N ILE B 37 28.32 24.53 18.37
CA ILE B 37 27.13 24.19 19.17
C ILE B 37 27.27 22.96 20.09
N GLY B 38 28.37 22.22 19.97
CA GLY B 38 28.69 21.10 20.84
C GLY B 38 27.77 19.93 20.66
N PHE B 39 27.83 19.00 21.60
CA PHE B 39 26.93 17.86 21.62
C PHE B 39 25.48 18.24 21.90
N ALA B 40 25.31 19.28 22.72
CA ALA B 40 24.01 19.86 23.07
C ALA B 40 23.22 20.46 21.90
N GLY B 41 23.89 21.19 21.02
CA GLY B 41 23.20 21.81 19.89
C GLY B 41 22.88 20.78 18.85
N VAL B 42 23.80 19.84 18.68
CA VAL B 42 23.56 18.63 17.89
C VAL B 42 22.35 17.85 18.41
N ALA B 43 22.30 17.59 19.72
CA ALA B 43 21.14 16.89 20.32
C ALA B 43 19.83 17.66 20.11
N LEU B 44 19.87 18.98 20.28
CA LEU B 44 18.71 19.84 19.99
C LEU B 44 18.32 19.78 18.51
N ALA B 45 19.27 20.00 17.60
CA ALA B 45 19.03 19.80 16.17
C ALA B 45 18.28 18.49 15.87
N PHE B 46 18.81 17.34 16.31
CA PHE B 46 18.13 16.06 16.05
C PHE B 46 16.65 16.02 16.48
N GLY B 47 16.36 16.47 17.69
CA GLY B 47 14.99 16.51 18.23
C GLY B 47 14.06 17.47 17.51
N LEU B 48 14.58 18.63 17.13
CA LEU B 48 13.80 19.57 16.32
C LEU B 48 13.40 19.09 14.92
N THR B 49 14.19 18.20 14.30
CA THR B 49 13.83 17.63 13.00
C THR B 49 12.55 16.78 13.08
N VAL B 50 12.46 15.92 14.09
CA VAL B 50 11.27 15.13 14.45
C VAL B 50 10.12 15.98 14.97
N LEU B 51 10.41 16.96 15.81
CA LEU B 51 9.36 17.86 16.26
C LEU B 51 8.69 18.54 15.05
N THR B 52 9.49 19.24 14.24
CA THR B 52 8.96 20.01 13.12
C THR B 52 8.31 19.12 12.02
N MET B 53 8.98 18.03 11.64
CA MET B 53 8.39 17.11 10.68
C MET B 53 7.22 16.27 11.20
N ALA B 54 7.16 15.95 12.49
CA ALA B 54 5.95 15.24 12.99
C ALA B 54 4.74 16.16 13.07
N PHE B 55 5.00 17.45 13.31
CA PHE B 55 4.02 18.51 13.14
C PHE B 55 3.61 18.69 11.67
N ALA B 56 4.58 18.75 10.74
CA ALA B 56 4.30 18.92 9.31
C ALA B 56 3.63 17.74 8.62
N VAL B 57 4.10 16.53 8.87
CA VAL B 57 3.69 15.40 8.04
C VAL B 57 3.26 14.23 8.88
N GLY B 58 3.25 14.43 10.19
CA GLY B 58 2.78 13.42 11.12
C GLY B 58 1.36 13.01 10.82
N HIS B 59 0.51 13.95 10.42
CA HIS B 59 -0.95 13.69 10.08
C HIS B 59 -1.11 13.03 8.72
N ILE B 60 0.00 12.91 7.97
CA ILE B 60 -0.03 12.14 6.71
C ILE B 60 0.38 10.67 6.93
N SER B 61 1.65 10.43 7.29
CA SER B 61 2.20 9.08 7.39
C SER B 61 2.07 8.46 8.78
N GLY B 62 1.94 9.32 9.78
CA GLY B 62 2.01 8.91 11.18
C GLY B 62 3.35 9.39 11.73
N GLY B 63 4.23 9.86 10.84
CA GLY B 63 5.50 10.43 11.21
C GLY B 63 6.50 9.58 11.95
N HIS B 64 7.00 8.50 11.33
CA HIS B 64 8.02 7.64 11.97
C HIS B 64 9.47 8.09 11.75
N PHE B 65 9.87 8.20 10.48
CA PHE B 65 11.21 8.71 10.10
C PHE B 65 12.34 7.84 10.66
N ASN B 66 12.05 6.55 10.81
CA ASN B 66 12.88 5.68 11.63
C ASN B 66 12.31 4.26 11.59
N PRO B 67 13.11 3.28 11.12
CA PRO B 67 12.72 1.86 11.06
C PRO B 67 12.53 1.16 12.41
N ALA B 68 13.23 1.57 13.47
CA ALA B 68 12.98 1.02 14.81
C ALA B 68 11.67 1.59 15.37
N VAL B 69 11.25 2.76 14.86
CA VAL B 69 9.94 3.29 15.19
C VAL B 69 8.86 2.53 14.42
N THR B 70 9.01 2.39 13.11
CA THR B 70 8.04 1.62 12.30
C THR B 70 7.84 0.18 12.80
N ILE B 71 8.93 -0.53 13.05
CA ILE B 71 8.88 -1.90 13.57
C ILE B 71 8.37 -2.00 15.02
N GLY B 72 8.83 -1.10 15.89
CA GLY B 72 8.39 -1.10 17.28
C GLY B 72 6.93 -0.71 17.50
N LEU B 73 6.38 0.12 16.60
CA LEU B 73 4.94 0.38 16.53
C LEU B 73 4.16 -0.85 16.05
N TRP B 74 4.73 -1.59 15.08
CA TRP B 74 4.17 -2.86 14.64
C TRP B 74 4.06 -3.85 15.80
N ALA B 75 5.16 -4.01 16.53
CA ALA B 75 5.24 -4.90 17.69
C ALA B 75 4.30 -4.44 18.83
N GLY B 76 4.02 -3.13 18.85
CA GLY B 76 3.13 -2.53 19.84
C GLY B 76 1.66 -2.61 19.47
N GLY B 77 1.35 -3.14 18.29
CA GLY B 77 -0.02 -3.31 17.82
C GLY B 77 -0.56 -2.04 17.20
N ARG B 78 0.34 -1.14 16.77
CA ARG B 78 -0.07 0.20 16.32
C ARG B 78 -0.02 0.43 14.81
N PHE B 79 0.77 -0.39 14.10
CA PHE B 79 1.02 -0.19 12.68
C PHE B 79 0.93 -1.54 11.92
N PRO B 80 0.27 -1.58 10.74
CA PRO B 80 0.11 -2.84 9.96
C PRO B 80 1.43 -3.50 9.52
N ALA B 81 1.48 -4.83 9.63
CA ALA B 81 2.60 -5.64 9.15
C ALA B 81 2.85 -5.41 7.65
N LYS B 82 1.75 -5.28 6.92
CA LYS B 82 1.75 -5.09 5.46
C LYS B 82 2.32 -3.74 4.96
N GLU B 83 2.56 -2.78 5.84
CA GLU B 83 3.10 -1.47 5.41
C GLU B 83 4.54 -1.21 5.84
N VAL B 84 5.05 -2.04 6.76
CA VAL B 84 6.39 -1.90 7.35
C VAL B 84 7.54 -1.65 6.36
N VAL B 85 7.73 -2.58 5.43
CA VAL B 85 8.89 -2.59 4.52
C VAL B 85 8.92 -1.38 3.57
N GLY B 86 7.76 -0.93 3.09
CA GLY B 86 7.69 0.28 2.27
C GLY B 86 8.14 1.54 2.99
N TYR B 87 7.85 1.61 4.29
CA TYR B 87 8.22 2.75 5.14
C TYR B 87 9.72 2.77 5.41
N VAL B 88 10.29 1.60 5.71
CA VAL B 88 11.72 1.44 5.97
C VAL B 88 12.52 1.86 4.72
N ILE B 89 12.11 1.39 3.55
CA ILE B 89 12.71 1.76 2.25
C ILE B 89 12.65 3.26 1.98
N ALA B 90 11.48 3.85 2.20
CA ALA B 90 11.27 5.30 2.14
C ALA B 90 12.17 6.10 3.11
N GLN B 91 12.36 5.57 4.32
CA GLN B 91 13.22 6.17 5.34
C GLN B 91 14.70 6.10 4.95
N VAL B 92 15.14 4.93 4.49
CA VAL B 92 16.53 4.66 4.17
C VAL B 92 16.95 5.50 2.97
N VAL B 93 16.12 5.50 1.91
CA VAL B 93 16.35 6.28 0.68
C VAL B 93 16.40 7.78 0.93
N GLY B 94 15.40 8.31 1.65
CA GLY B 94 15.38 9.72 2.04
C GLY B 94 16.63 10.10 2.82
N GLY B 95 17.02 9.24 3.77
CA GLY B 95 18.25 9.40 4.56
C GLY B 95 19.54 9.53 3.76
N ILE B 96 19.73 8.65 2.76
CA ILE B 96 20.90 8.65 1.88
C ILE B 96 20.94 9.92 1.02
N VAL B 97 19.79 10.37 0.53
CA VAL B 97 19.72 11.57 -0.33
C VAL B 97 20.10 12.81 0.48
N ALA B 98 19.66 12.86 1.74
CA ALA B 98 20.09 13.89 2.70
C ALA B 98 21.61 13.83 2.92
N ALA B 99 22.16 12.64 3.07
CA ALA B 99 23.59 12.46 3.37
C ALA B 99 24.44 12.79 2.17
N ALA B 100 23.91 12.55 0.96
CA ALA B 100 24.59 12.94 -0.26
C ALA B 100 24.65 14.47 -0.41
N LEU B 101 23.53 15.15 -0.19
CA LEU B 101 23.49 16.60 -0.32
C LEU B 101 24.34 17.29 0.75
N LEU B 102 24.33 16.71 1.97
CA LEU B 102 25.24 17.12 3.06
C LEU B 102 26.71 16.91 2.69
N TYR B 103 27.03 15.75 2.09
CA TYR B 103 28.39 15.46 1.64
C TYR B 103 28.88 16.52 0.65
N LEU B 104 28.03 16.89 -0.29
CA LEU B 104 28.31 17.95 -1.25
C LEU B 104 28.55 19.31 -0.56
N ILE B 105 27.72 19.65 0.43
CA ILE B 105 27.88 20.90 1.19
C ILE B 105 29.18 20.91 2.01
N ALA B 106 29.37 19.87 2.82
CA ALA B 106 30.57 19.70 3.63
C ALA B 106 31.89 19.84 2.85
N SER B 107 31.90 19.43 1.59
CA SER B 107 33.11 19.41 0.76
C SER B 107 33.56 20.76 0.24
N GLY B 108 32.77 21.80 0.46
CA GLY B 108 33.12 23.15 0.05
C GLY B 108 34.03 23.88 1.03
N LYS B 109 34.56 23.16 2.02
CA LYS B 109 35.50 23.73 2.99
C LYS B 109 36.88 23.08 2.84
N THR B 110 37.93 23.90 2.79
CA THR B 110 39.30 23.38 2.71
C THR B 110 39.52 22.30 3.78
N GLY B 111 39.97 21.13 3.32
CA GLY B 111 40.29 20.00 4.19
C GLY B 111 39.12 19.19 4.74
N PHE B 112 38.07 19.01 3.94
CA PHE B 112 37.03 18.08 4.36
C PHE B 112 37.45 16.65 4.06
N ASP B 113 37.15 15.77 5.00
CA ASP B 113 37.51 14.37 4.91
C ASP B 113 36.47 13.57 5.66
N ALA B 114 35.58 12.93 4.89
CA ALA B 114 34.40 12.22 5.42
C ALA B 114 34.76 10.89 6.07
N ALA B 115 35.94 10.39 5.75
CA ALA B 115 36.45 9.16 6.34
C ALA B 115 37.12 9.49 7.68
N ALA B 116 38.17 10.34 7.59
CA ALA B 116 38.98 10.77 8.76
C ALA B 116 38.22 11.37 9.96
N SER B 117 36.99 11.83 9.73
CA SER B 117 36.25 12.57 10.76
C SER B 117 35.05 11.76 11.22
N GLY B 118 34.67 10.80 10.38
CA GLY B 118 33.63 9.84 10.68
C GLY B 118 32.29 10.25 10.12
N PHE B 119 32.21 11.43 9.50
CA PHE B 119 30.97 11.95 8.92
C PHE B 119 29.80 11.74 9.89
N ALA B 120 30.03 12.05 11.16
CA ALA B 120 29.06 11.80 12.26
C ALA B 120 28.43 10.41 12.26
N SER B 121 29.21 9.40 11.88
CA SER B 121 28.77 8.00 11.85
C SER B 121 28.64 7.43 13.25
N ASN B 122 27.84 6.38 13.38
CA ASN B 122 27.73 5.67 14.65
C ASN B 122 28.78 4.56 14.73
N GLY B 123 29.43 4.45 15.87
CA GLY B 123 30.35 3.34 16.09
C GLY B 123 30.42 2.91 17.54
N TYR B 124 31.05 1.76 17.78
CA TYR B 124 31.38 1.33 19.14
C TYR B 124 32.87 0.95 19.26
N GLY B 125 33.30 0.64 20.49
CA GLY B 125 34.68 0.28 20.78
C GLY B 125 35.71 1.36 20.48
N GLU B 126 36.38 1.23 19.35
CA GLU B 126 37.51 2.07 18.99
C GLU B 126 37.04 3.10 17.98
N HIS B 127 35.74 3.18 17.84
CA HIS B 127 35.13 4.20 16.97
C HIS B 127 33.94 4.90 17.65
N SER B 128 33.65 4.47 18.88
CA SER B 128 32.79 5.18 19.81
C SER B 128 33.51 6.48 20.21
N PRO B 129 32.78 7.63 20.16
CA PRO B 129 33.36 8.94 20.52
C PRO B 129 34.18 8.98 21.85
N GLY B 130 33.82 8.17 22.85
CA GLY B 130 34.48 8.15 24.17
C GLY B 130 35.37 6.93 24.50
N GLY B 131 35.50 5.99 23.57
CA GLY B 131 36.17 4.72 23.85
C GLY B 131 35.33 3.78 24.70
N TYR B 132 33.99 3.82 24.51
CA TYR B 132 33.11 2.89 25.21
C TYR B 132 33.11 1.54 24.48
N SER B 133 32.93 0.47 25.25
CA SER B 133 32.89 -0.89 24.71
C SER B 133 31.63 -1.15 23.90
N MET B 134 31.60 -2.30 23.23
CA MET B 134 30.42 -2.80 22.51
C MET B 134 29.26 -3.04 23.49
N LEU B 135 29.56 -3.50 24.70
CA LEU B 135 28.57 -3.68 25.77
C LEU B 135 27.90 -2.35 26.19
N SER B 136 28.72 -1.30 26.34
CA SER B 136 28.24 0.02 26.72
C SER B 136 27.41 0.63 25.58
N ALA B 137 27.87 0.39 24.34
CA ALA B 137 27.11 0.73 23.14
C ALA B 137 25.81 -0.08 23.03
N LEU B 138 25.85 -1.35 23.44
CA LEU B 138 24.68 -2.23 23.43
C LEU B 138 23.61 -1.82 24.46
N VAL B 139 24.00 -1.69 25.73
CA VAL B 139 23.05 -1.31 26.80
C VAL B 139 22.39 0.07 26.59
N VAL B 140 23.19 1.06 26.23
CA VAL B 140 22.65 2.40 25.95
C VAL B 140 21.65 2.43 24.78
N GLU B 141 22.02 1.91 23.61
CA GLU B 141 21.13 1.87 22.44
C GLU B 141 19.82 1.11 22.70
N LEU B 142 19.92 -0.02 23.41
CA LEU B 142 18.77 -0.88 23.74
C LEU B 142 17.82 -0.19 24.71
N VAL B 143 18.34 0.27 25.85
CA VAL B 143 17.56 1.07 26.82
C VAL B 143 16.91 2.31 26.21
N LEU B 144 17.68 3.08 25.44
CA LEU B 144 17.16 4.33 24.86
C LEU B 144 16.18 4.10 23.70
N SER B 145 16.39 3.03 22.93
CA SER B 145 15.47 2.67 21.85
C SER B 145 14.12 2.23 22.39
N ALA B 146 14.16 1.38 23.43
CA ALA B 146 12.98 0.92 24.17
C ALA B 146 12.19 2.09 24.73
N GLY B 147 12.90 3.04 25.32
CA GLY B 147 12.30 4.18 25.99
C GLY B 147 11.75 5.20 25.02
N PHE B 148 12.36 5.29 23.84
CA PHE B 148 11.89 6.15 22.77
C PHE B 148 10.53 5.62 22.33
N LEU B 149 10.41 4.31 22.22
CA LEU B 149 9.17 3.67 21.74
C LEU B 149 8.05 3.56 22.73
N LEU B 150 8.41 3.53 24.00
CA LEU B 150 7.49 3.70 25.09
C LEU B 150 6.97 5.15 25.16
N VAL B 151 7.84 6.13 24.95
CA VAL B 151 7.41 7.53 24.77
C VAL B 151 6.45 7.70 23.58
N ILE B 152 6.87 7.27 22.40
CA ILE B 152 6.00 7.31 21.21
C ILE B 152 4.61 6.67 21.43
N HIS B 153 4.56 5.48 22.02
CA HIS B 153 3.30 4.79 22.24
C HIS B 153 2.48 5.52 23.29
N GLY B 154 3.13 5.93 24.38
CA GLY B 154 2.46 6.67 25.44
C GLY B 154 1.93 8.02 25.01
N ALA B 155 2.76 8.83 24.35
CA ALA B 155 2.35 10.15 23.85
C ALA B 155 1.24 10.13 22.80
N THR B 156 1.05 8.98 22.14
CA THR B 156 0.03 8.79 21.11
C THR B 156 -1.11 7.88 21.60
N ASP B 157 -1.15 7.62 22.90
CA ASP B 157 -2.18 6.79 23.54
C ASP B 157 -3.58 7.39 23.28
N LYS B 158 -4.62 6.59 23.46
CA LYS B 158 -5.99 7.08 23.27
C LYS B 158 -6.39 8.18 24.24
N PHE B 159 -5.78 8.16 25.42
CA PHE B 159 -6.16 9.03 26.53
C PHE B 159 -5.19 10.18 26.74
N ALA B 160 -4.13 10.22 25.92
CA ALA B 160 -3.16 11.33 25.86
C ALA B 160 -3.77 12.55 25.14
N PRO B 161 -3.85 13.74 25.81
CA PRO B 161 -4.24 14.97 25.08
C PRO B 161 -3.65 15.11 23.68
N ALA B 162 -4.56 15.33 22.72
CA ALA B 162 -4.27 15.36 21.30
C ALA B 162 -3.45 16.57 20.90
N GLY B 163 -2.47 16.38 20.02
CA GLY B 163 -1.74 17.49 19.40
C GLY B 163 -0.31 17.63 19.88
N PHE B 164 -0.08 17.23 21.11
CA PHE B 164 1.21 17.43 21.79
C PHE B 164 2.28 16.40 21.51
N ALA B 165 1.92 15.30 20.84
CA ALA B 165 2.84 14.19 20.57
C ALA B 165 4.16 14.54 19.82
N PRO B 166 4.12 15.42 18.78
CA PRO B 166 5.39 15.92 18.19
C PRO B 166 6.39 16.56 19.15
N ILE B 167 5.90 17.35 20.11
CA ILE B 167 6.70 17.90 21.19
C ILE B 167 7.32 16.76 22.06
N ALA B 168 6.48 15.83 22.55
CA ALA B 168 6.97 14.77 23.45
C ALA B 168 7.98 13.91 22.73
N ILE B 169 7.71 13.63 21.45
CA ILE B 169 8.50 12.68 20.67
C ILE B 169 9.80 13.35 20.17
N GLY B 170 9.72 14.59 19.67
CA GLY B 170 10.88 15.35 19.30
C GLY B 170 11.87 15.56 20.43
N LEU B 171 11.36 16.08 21.54
CA LEU B 171 12.18 16.31 22.72
C LEU B 171 12.80 15.06 23.38
N ALA B 172 12.18 13.89 23.22
CA ALA B 172 12.83 12.62 23.65
C ALA B 172 14.05 12.31 22.82
N LEU B 173 14.08 12.73 21.55
CA LEU B 173 15.27 12.44 20.73
C LEU B 173 16.40 13.31 21.20
N THR B 174 16.08 14.58 21.48
CA THR B 174 17.02 15.50 22.09
C THR B 174 17.63 14.88 23.36
N LEU B 175 16.78 14.39 24.24
CA LEU B 175 17.20 13.81 25.50
C LEU B 175 18.11 12.65 25.22
N ILE B 176 17.65 11.71 24.40
CA ILE B 176 18.42 10.54 23.99
C ILE B 176 19.83 10.91 23.49
N HIS B 177 19.94 11.93 22.64
CA HIS B 177 21.24 12.44 22.13
C HIS B 177 22.10 13.11 23.18
N LEU B 178 21.49 13.79 24.14
CA LEU B 178 22.20 14.34 25.31
C LEU B 178 22.87 13.29 26.21
N ILE B 179 22.29 12.08 26.26
CA ILE B 179 22.83 10.92 27.02
C ILE B 179 23.93 10.14 26.27
N SER B 180 23.66 9.80 25.01
CA SER B 180 24.40 8.72 24.37
C SER B 180 25.39 9.08 23.27
N ILE B 181 25.52 10.37 22.91
CA ILE B 181 26.48 10.77 21.87
C ILE B 181 27.90 10.33 22.24
N PRO B 182 28.34 10.60 23.49
CA PRO B 182 29.68 10.15 23.90
C PRO B 182 29.89 8.65 23.80
N VAL B 183 28.80 7.89 23.68
CA VAL B 183 28.86 6.42 23.68
C VAL B 183 28.86 5.77 22.27
N THR B 184 27.91 6.17 21.42
CA THR B 184 27.84 5.64 20.04
C THR B 184 27.73 6.70 18.92
N ASN B 185 27.80 8.00 19.27
CA ASN B 185 27.30 9.11 18.44
C ASN B 185 25.76 9.18 18.40
N CYS B 186 25.10 8.28 19.12
CA CYS B 186 23.62 8.16 19.19
C CYS B 186 22.95 7.76 17.87
N SER B 187 22.44 6.53 17.81
CA SER B 187 21.74 6.05 16.63
C SER B 187 20.21 6.08 16.77
N VAL B 188 19.70 5.16 17.60
CA VAL B 188 18.25 4.87 17.78
C VAL B 188 17.41 4.93 16.49
N ASN B 189 18.09 4.92 15.35
CA ASN B 189 17.48 5.01 14.03
C ASN B 189 18.43 4.36 13.00
N PRO B 190 18.12 3.11 12.56
CA PRO B 190 18.81 2.42 11.46
C PRO B 190 19.04 3.20 10.17
N ALA B 191 18.06 4.00 9.74
CA ALA B 191 18.12 4.76 8.48
C ALA B 191 19.08 5.93 8.53
N ARG B 192 19.30 6.46 9.72
CA ARG B 192 20.19 7.59 9.96
C ARG B 192 21.62 7.10 9.97
N SER B 193 21.89 6.01 10.67
CA SER B 193 23.24 5.41 10.75
C SER B 193 23.77 4.91 9.40
N THR B 194 22.86 4.50 8.51
CA THR B 194 23.16 4.01 7.16
C THR B 194 23.53 5.14 6.20
N ALA B 195 22.80 6.26 6.28
CA ALA B 195 23.08 7.43 5.43
C ALA B 195 24.55 7.86 5.47
N VAL B 196 25.06 8.01 6.68
CA VAL B 196 26.40 8.52 6.94
C VAL B 196 27.48 7.44 6.83
N ALA B 197 27.10 6.19 7.12
CA ALA B 197 28.03 5.05 7.00
C ALA B 197 28.45 4.85 5.56
N ILE B 198 27.50 5.00 4.65
CA ILE B 198 27.77 4.89 3.21
C ILE B 198 28.91 5.85 2.82
N PHE B 199 28.82 7.10 3.28
CA PHE B 199 29.76 8.15 2.88
C PHE B 199 31.07 8.22 3.67
N GLN B 200 31.02 7.83 4.94
CA GLN B 200 32.22 7.57 5.73
C GLN B 200 33.05 6.46 5.04
N GLY B 201 32.40 5.33 4.75
CA GLY B 201 32.98 4.29 3.89
C GLY B 201 33.76 3.14 4.52
N GLY B 202 34.61 3.50 5.53
CA GLY B 202 35.46 2.53 6.24
C GLY B 202 34.78 1.76 7.38
N TRP B 203 35.07 2.28 8.64
CA TRP B 203 34.65 1.59 9.88
C TRP B 203 33.15 1.61 10.17
N ALA B 204 32.46 2.65 9.70
CA ALA B 204 31.01 2.76 9.92
C ALA B 204 30.28 1.68 9.11
N LEU B 205 30.80 1.41 7.92
CA LEU B 205 30.19 0.42 7.02
C LEU B 205 30.44 -1.06 7.45
N GLU B 206 31.44 -1.16 8.48
CA GLU B 206 31.76 -2.48 9.03
C GLU B 206 31.07 -2.72 10.36
N GLN B 207 30.58 -1.65 10.97
CA GLN B 207 29.82 -1.71 12.24
C GLN B 207 28.34 -1.44 12.08
N LEU B 208 27.90 -1.22 10.83
CA LEU B 208 26.52 -0.82 10.53
C LEU B 208 25.48 -1.78 11.12
N TRP B 209 25.67 -3.08 10.85
CA TRP B 209 24.77 -4.20 11.25
C TRP B 209 24.23 -4.01 12.68
N PHE B 210 25.14 -3.63 13.60
CA PHE B 210 24.87 -3.46 15.03
C PHE B 210 23.82 -2.40 15.23
N PHE B 211 23.90 -1.34 14.41
CA PHE B 211 22.99 -0.19 14.51
C PHE B 211 21.71 -0.36 13.69
N TRP B 212 21.54 -1.56 13.14
CA TRP B 212 20.26 -2.03 12.62
C TRP B 212 19.68 -2.99 13.64
N VAL B 213 20.52 -3.89 14.14
CA VAL B 213 20.09 -4.93 15.09
C VAL B 213 19.59 -4.38 16.43
N VAL B 214 20.37 -3.50 17.08
CA VAL B 214 20.06 -3.07 18.45
C VAL B 214 18.89 -2.07 18.62
N PRO B 215 18.81 -1.01 17.76
CA PRO B 215 17.63 -0.15 17.86
C PRO B 215 16.31 -0.87 17.58
N ILE B 216 16.30 -1.78 16.61
CA ILE B 216 15.09 -2.53 16.22
C ILE B 216 14.58 -3.42 17.36
N VAL B 217 15.49 -4.22 17.92
CA VAL B 217 15.22 -5.11 19.06
C VAL B 217 14.73 -4.34 20.29
N GLY B 218 15.30 -3.15 20.52
CA GLY B 218 14.87 -2.27 21.61
C GLY B 218 13.58 -1.53 21.32
N GLY B 219 13.41 -1.05 20.09
CA GLY B 219 12.10 -0.55 19.65
C GLY B 219 11.01 -1.58 19.82
N ILE B 220 11.32 -2.85 19.55
CA ILE B 220 10.37 -3.94 19.81
C ILE B 220 10.08 -4.09 21.31
N ILE B 221 11.11 -4.07 22.15
CA ILE B 221 10.97 -4.16 23.61
C ILE B 221 10.09 -3.03 24.18
N GLY B 222 10.18 -1.85 23.58
CA GLY B 222 9.40 -0.70 23.98
C GLY B 222 7.93 -0.80 23.59
N GLY B 223 7.67 -1.24 22.36
CA GLY B 223 6.31 -1.51 21.90
C GLY B 223 5.67 -2.63 22.67
N LEU B 224 6.45 -3.64 23.03
CA LEU B 224 5.90 -4.79 23.75
C LEU B 224 5.57 -4.40 25.20
N ILE B 225 6.48 -3.69 25.87
CA ILE B 225 6.24 -3.20 27.24
C ILE B 225 4.98 -2.33 27.34
N TYR B 226 4.82 -1.37 26.42
CA TYR B 226 3.61 -0.52 26.40
C TYR B 226 2.34 -1.33 26.14
N ARG B 227 2.35 -2.13 25.08
CA ARG B 227 1.20 -2.92 24.68
C ARG B 227 0.75 -3.93 25.75
N THR B 228 1.70 -4.56 26.42
CA THR B 228 1.38 -5.67 27.34
C THR B 228 1.23 -5.28 28.84
N LEU B 229 1.94 -4.25 29.31
CA LEU B 229 1.80 -3.85 30.72
C LEU B 229 1.00 -2.54 30.90
N LEU B 230 1.21 -1.58 30.00
CA LEU B 230 0.76 -0.19 30.19
C LEU B 230 -0.59 0.24 29.57
N GLU B 231 -0.97 -0.30 28.41
CA GLU B 231 -2.13 0.17 27.63
C GLU B 231 -3.58 -0.05 28.19
N LYS B 232 -3.86 -1.22 28.79
CA LYS B 232 -5.15 -1.43 29.51
C LYS B 232 -5.04 -0.68 30.86
N ARG B 233 -6.10 -0.25 31.55
CA ARG B 233 -7.50 0.11 31.22
C ARG B 233 -8.66 -0.74 31.79
N ASP B 234 -8.95 -0.45 33.07
CA ASP B 234 -9.99 -1.11 33.91
C ASP B 234 -9.82 -2.63 34.04
#